data_7WRL
#
_entry.id   7WRL
#
_cell.length_a   1.00
_cell.length_b   1.00
_cell.length_c   1.00
_cell.angle_alpha   90.00
_cell.angle_beta   90.00
_cell.angle_gamma   90.00
#
_symmetry.space_group_name_H-M   'P 1'
#
loop_
_entity.id
_entity.type
_entity.pdbx_description
1 polymer BD55-1239H
2 polymer BD55-1239L
3 polymer 'Spike protein S1'
#
loop_
_entity_poly.entity_id
_entity_poly.type
_entity_poly.pdbx_seq_one_letter_code
_entity_poly.pdbx_strand_id
1 'polypeptide(L)'
;QVQLVQSGAEVKKPGSSVKVSCKASGDIYSTYASSWVRQAPGQGLEWMGRIIPVSGTVNYADNFQGRVTITADKSTSTAY
MELRSLTSEDTAVYYCARDVARGGYSGTDFFDYYYGMDVWGQGTTVT
;
A
2 'polypeptide(L)'
;SALTQPASVSGSPGQSITISCTGTSSDVGGYNYVSWYQQHPDKAPKLLIYDVNNRPSGVSTRFSGSKSGNTASLTISRLQ
TDDEADYSCSSYTSSNTWVFGGGTK
;
B
3 'polypeptide(L)'
;NLCPFDEVFNATRFASVYAWNRKRISNCVADYSVLYNLAPFFTFKCYGVSPTKLNDLCFTNVYADSFVIRGDEVRQIAPG
QTGNIADYNYKLPDDFTGCVIAWNSNKLDSKVSGNYNYLYRLFRKSNLKPFERDISTEIYQAGNKPCNGVAGFNCYFPLR
SYSFRPTYGVGHQPYRVVVLSFELLHAPATVCG
;
R
#
# COMPACT_ATOMS: atom_id res chain seq x y z
N GLN A 1 -20.36 -2.03 -8.14
CA GLN A 1 -20.03 -0.96 -9.08
C GLN A 1 -19.01 -1.43 -10.11
N VAL A 2 -18.27 -2.48 -9.76
CA VAL A 2 -17.20 -2.98 -10.60
C VAL A 2 -17.60 -4.33 -11.24
N GLN A 3 -18.54 -5.06 -10.65
CA GLN A 3 -19.16 -6.27 -11.20
C GLN A 3 -18.12 -7.36 -11.45
N LEU A 4 -17.54 -7.82 -10.34
CA LEU A 4 -16.70 -9.02 -10.39
C LEU A 4 -17.56 -10.25 -10.64
N VAL A 5 -17.14 -11.06 -11.60
CA VAL A 5 -17.75 -12.35 -11.90
C VAL A 5 -16.66 -13.39 -11.86
N GLN A 6 -16.83 -14.41 -11.04
CA GLN A 6 -15.79 -15.40 -10.80
C GLN A 6 -16.19 -16.73 -11.43
N SER A 7 -15.26 -17.67 -11.43
CA SER A 7 -15.43 -18.92 -12.15
C SER A 7 -16.34 -19.88 -11.37
N GLY A 8 -16.33 -21.14 -11.78
CA GLY A 8 -17.12 -22.16 -11.11
C GLY A 8 -16.28 -23.00 -10.16
N ALA A 9 -16.97 -23.75 -9.30
CA ALA A 9 -16.30 -24.57 -8.31
C ALA A 9 -15.66 -25.79 -8.95
N GLU A 10 -14.76 -26.43 -8.20
CA GLU A 10 -14.10 -27.64 -8.66
C GLU A 10 -13.99 -28.62 -7.50
N VAL A 11 -13.87 -29.91 -7.85
CA VAL A 11 -13.97 -31.00 -6.90
C VAL A 11 -12.59 -31.68 -6.97
N LYS A 12 -11.54 -30.88 -7.16
CA LYS A 12 -10.19 -31.40 -7.36
C LYS A 12 -9.63 -31.99 -6.08
N LYS A 13 -9.74 -33.32 -5.94
CA LYS A 13 -9.06 -34.07 -4.91
C LYS A 13 -7.54 -34.03 -5.16
N PRO A 14 -6.70 -34.15 -4.12
CA PRO A 14 -5.42 -33.42 -4.12
C PRO A 14 -4.40 -33.97 -5.09
N GLY A 15 -3.36 -33.17 -5.30
CA GLY A 15 -2.39 -33.38 -6.36
C GLY A 15 -2.73 -32.69 -7.66
N SER A 16 -3.90 -32.08 -7.76
CA SER A 16 -4.35 -31.43 -8.98
C SER A 16 -3.81 -30.00 -9.05
N SER A 17 -4.33 -29.20 -9.98
CA SER A 17 -4.01 -27.79 -10.08
C SER A 17 -5.27 -27.02 -10.43
N VAL A 18 -5.46 -25.86 -9.80
CA VAL A 18 -6.69 -25.09 -9.89
C VAL A 18 -6.37 -23.72 -10.48
N LYS A 19 -7.14 -23.33 -11.51
CA LYS A 19 -7.16 -21.96 -11.99
C LYS A 19 -8.54 -21.37 -11.74
N VAL A 20 -8.58 -20.16 -11.19
CA VAL A 20 -9.84 -19.46 -10.91
C VAL A 20 -9.73 -18.07 -11.53
N SER A 21 -10.66 -17.73 -12.41
CA SER A 21 -10.61 -16.49 -13.16
C SER A 21 -11.61 -15.48 -12.61
N CYS A 22 -11.15 -14.23 -12.44
CA CYS A 22 -11.93 -13.18 -11.80
C CYS A 22 -12.27 -12.11 -12.85
N LYS A 23 -13.42 -12.27 -13.50
CA LYS A 23 -13.85 -11.39 -14.57
C LYS A 23 -14.52 -10.16 -13.98
N ALA A 24 -13.96 -8.98 -14.22
CA ALA A 24 -14.54 -7.73 -13.72
C ALA A 24 -14.40 -6.67 -14.80
N SER A 25 -15.53 -6.10 -15.24
CA SER A 25 -15.56 -5.20 -16.38
C SER A 25 -16.47 -4.00 -16.13
N GLY A 26 -16.42 -3.44 -14.93
CA GLY A 26 -17.27 -2.30 -14.61
C GLY A 26 -16.53 -0.97 -14.66
N ASP A 27 -16.18 -0.44 -13.49
CA ASP A 27 -15.41 0.80 -13.40
C ASP A 27 -13.92 0.47 -13.36
N ILE A 28 -13.41 0.00 -14.50
CA ILE A 28 -12.04 -0.49 -14.61
C ILE A 28 -11.16 0.68 -15.00
N TYR A 29 -10.51 1.28 -14.00
CA TYR A 29 -9.55 2.35 -14.24
C TYR A 29 -8.16 1.76 -14.35
N SER A 30 -7.15 2.62 -14.41
CA SER A 30 -5.77 2.16 -14.34
C SER A 30 -5.34 1.86 -12.91
N THR A 31 -6.10 2.31 -11.92
CA THR A 31 -5.80 2.08 -10.51
C THR A 31 -6.44 0.82 -9.97
N TYR A 32 -7.11 0.04 -10.82
CA TYR A 32 -7.80 -1.16 -10.38
C TYR A 32 -6.80 -2.25 -10.02
N ALA A 33 -7.05 -2.94 -8.92
CA ALA A 33 -6.19 -4.02 -8.48
C ALA A 33 -7.00 -5.03 -7.69
N SER A 34 -6.88 -6.30 -8.04
CA SER A 34 -7.74 -7.34 -7.51
C SER A 34 -6.93 -8.25 -6.60
N SER A 35 -7.19 -8.18 -5.30
CA SER A 35 -6.54 -9.07 -4.35
C SER A 35 -7.20 -10.45 -4.40
N TRP A 36 -6.71 -11.36 -3.55
CA TRP A 36 -7.18 -12.74 -3.56
C TRP A 36 -7.16 -13.23 -2.13
N VAL A 37 -8.23 -13.87 -1.69
CA VAL A 37 -8.29 -14.40 -0.33
C VAL A 37 -8.73 -15.85 -0.35
N ARG A 38 -8.37 -16.57 0.70
CA ARG A 38 -8.86 -17.91 1.00
C ARG A 38 -9.91 -17.83 2.10
N GLN A 39 -10.91 -18.70 2.09
CA GLN A 39 -11.71 -18.89 3.28
C GLN A 39 -11.96 -20.37 3.52
N ALA A 40 -11.30 -20.93 4.52
CA ALA A 40 -11.45 -22.33 4.90
C ALA A 40 -12.80 -22.50 5.59
N PRO A 41 -13.41 -23.69 5.55
CA PRO A 41 -14.72 -23.88 6.20
C PRO A 41 -14.58 -23.95 7.71
N GLY A 42 -15.22 -23.01 8.40
CA GLY A 42 -15.24 -23.01 9.85
C GLY A 42 -14.32 -22.01 10.51
N GLN A 43 -13.36 -21.44 9.79
CA GLN A 43 -12.44 -20.46 10.32
C GLN A 43 -12.36 -19.26 9.37
N GLY A 44 -11.41 -18.35 9.63
CA GLY A 44 -11.46 -17.03 9.05
C GLY A 44 -10.63 -16.91 7.79
N LEU A 45 -10.59 -15.68 7.28
CA LEU A 45 -10.02 -15.41 5.97
C LEU A 45 -8.50 -15.46 6.04
N GLU A 46 -7.88 -15.59 4.86
CA GLU A 46 -6.42 -15.51 4.69
C GLU A 46 -6.18 -14.81 3.36
N TRP A 47 -5.59 -13.63 3.42
CA TRP A 47 -5.26 -12.89 2.20
C TRP A 47 -4.11 -13.58 1.46
N MET A 48 -4.30 -13.82 0.16
CA MET A 48 -3.39 -14.67 -0.61
C MET A 48 -2.39 -13.87 -1.44
N GLY A 49 -2.88 -12.97 -2.29
CA GLY A 49 -1.98 -12.21 -3.13
C GLY A 49 -2.67 -10.98 -3.66
N ARG A 50 -1.99 -10.29 -4.57
CA ARG A 50 -2.59 -9.12 -5.20
C ARG A 50 -1.95 -8.89 -6.55
N ILE A 51 -2.75 -8.45 -7.51
CA ILE A 51 -2.32 -8.15 -8.86
C ILE A 51 -2.77 -6.75 -9.24
N ILE A 52 -1.92 -6.02 -9.95
CA ILE A 52 -2.31 -4.79 -10.63
C ILE A 52 -2.30 -5.10 -12.13
N PRO A 53 -3.46 -5.28 -12.77
CA PRO A 53 -3.47 -5.76 -14.16
C PRO A 53 -2.88 -4.79 -15.18
N VAL A 54 -2.81 -3.49 -14.88
CA VAL A 54 -2.21 -2.56 -15.82
C VAL A 54 -0.68 -2.60 -15.78
N SER A 55 -0.10 -3.31 -14.83
CA SER A 55 1.33 -3.46 -14.74
C SER A 55 1.76 -4.92 -14.62
N GLY A 56 1.00 -5.74 -13.91
CA GLY A 56 1.39 -7.10 -13.64
C GLY A 56 2.25 -7.29 -12.43
N THR A 57 2.33 -6.30 -11.54
CA THR A 57 3.12 -6.43 -10.33
C THR A 57 2.35 -7.25 -9.31
N VAL A 58 3.02 -8.21 -8.68
CA VAL A 58 2.36 -9.26 -7.92
C VAL A 58 2.88 -9.23 -6.49
N ASN A 59 1.97 -9.16 -5.52
CA ASN A 59 2.28 -9.41 -4.13
C ASN A 59 1.96 -10.86 -3.78
N TYR A 60 2.50 -11.31 -2.64
CA TYR A 60 2.04 -12.55 -2.03
C TYR A 60 2.16 -12.46 -0.51
N ALA A 61 1.28 -13.18 0.17
CA ALA A 61 1.57 -13.59 1.52
C ALA A 61 2.60 -14.72 1.48
N ASP A 62 3.47 -14.74 2.47
CA ASP A 62 4.57 -15.71 2.46
C ASP A 62 4.13 -17.14 2.73
N ASN A 63 2.88 -17.36 3.14
CA ASN A 63 2.33 -18.71 3.16
C ASN A 63 1.99 -19.22 1.77
N PHE A 64 1.96 -18.36 0.76
CA PHE A 64 1.61 -18.73 -0.61
C PHE A 64 2.64 -18.18 -1.59
N GLN A 65 3.91 -18.37 -1.28
CA GLN A 65 4.98 -18.02 -2.20
C GLN A 65 5.45 -19.29 -2.91
N GLY A 66 5.28 -19.32 -4.24
CA GLY A 66 5.56 -20.50 -5.01
C GLY A 66 4.41 -21.47 -5.14
N ARG A 67 3.33 -21.28 -4.37
CA ARG A 67 2.13 -22.08 -4.50
C ARG A 67 1.12 -21.45 -5.46
N VAL A 68 1.04 -20.12 -5.46
CA VAL A 68 0.05 -19.39 -6.23
C VAL A 68 0.78 -18.56 -7.27
N THR A 69 0.26 -18.54 -8.49
CA THR A 69 0.79 -17.69 -9.56
C THR A 69 -0.38 -16.88 -10.12
N ILE A 70 -0.45 -15.60 -9.77
CA ILE A 70 -1.59 -14.76 -10.10
C ILE A 70 -1.31 -14.11 -11.46
N THR A 71 -1.92 -14.66 -12.51
CA THR A 71 -1.72 -14.21 -13.88
C THR A 71 -2.85 -13.25 -14.24
N ALA A 72 -2.51 -12.17 -14.94
CA ALA A 72 -3.53 -11.24 -15.42
C ALA A 72 -3.08 -10.59 -16.72
N ASP A 73 -4.01 -10.43 -17.63
CA ASP A 73 -3.77 -9.79 -18.92
C ASP A 73 -4.21 -8.33 -18.85
N LYS A 74 -3.47 -7.48 -19.57
CA LYS A 74 -3.66 -6.03 -19.46
C LYS A 74 -4.92 -5.55 -20.17
N SER A 75 -5.23 -6.11 -21.34
CA SER A 75 -6.34 -5.60 -22.14
C SER A 75 -7.69 -5.96 -21.52
N THR A 76 -7.87 -7.21 -21.10
CA THR A 76 -9.09 -7.60 -20.42
C THR A 76 -9.12 -7.15 -18.97
N SER A 77 -7.95 -6.87 -18.38
CA SER A 77 -7.79 -6.37 -17.01
C SER A 77 -8.43 -7.30 -15.97
N THR A 78 -8.33 -8.61 -16.19
CA THR A 78 -8.90 -9.60 -15.30
C THR A 78 -7.83 -10.60 -14.89
N ALA A 79 -8.02 -11.21 -13.73
CA ALA A 79 -6.97 -11.93 -13.03
C ALA A 79 -7.31 -13.41 -12.87
N TYR A 80 -6.28 -14.24 -12.88
CA TYR A 80 -6.36 -15.68 -12.68
C TYR A 80 -5.58 -16.03 -11.42
N MET A 81 -5.60 -17.32 -11.05
CA MET A 81 -4.99 -17.73 -9.79
C MET A 81 -4.65 -19.22 -9.90
N GLU A 82 -3.38 -19.55 -10.00
CA GLU A 82 -2.95 -20.94 -10.18
C GLU A 82 -2.39 -21.48 -8.86
N LEU A 83 -3.26 -22.05 -8.04
CA LEU A 83 -2.81 -22.75 -6.85
C LEU A 83 -2.34 -24.16 -7.23
N ARG A 84 -1.12 -24.51 -6.82
CA ARG A 84 -0.51 -25.77 -7.21
C ARG A 84 0.00 -26.50 -5.99
N SER A 85 0.17 -27.82 -6.15
CA SER A 85 0.51 -28.76 -5.09
C SER A 85 -0.51 -28.70 -3.95
N LEU A 86 -1.74 -29.08 -4.31
CA LEU A 86 -2.88 -29.00 -3.43
C LEU A 86 -2.78 -30.03 -2.31
N THR A 87 -3.72 -29.93 -1.36
CA THR A 87 -3.85 -30.85 -0.26
C THR A 87 -5.34 -30.96 0.03
N SER A 88 -5.76 -32.01 0.73
CA SER A 88 -7.14 -32.13 1.17
C SER A 88 -7.53 -31.03 2.16
N GLU A 89 -6.55 -30.44 2.85
CA GLU A 89 -6.79 -29.30 3.73
C GLU A 89 -7.01 -28.01 2.97
N ASP A 90 -6.77 -27.99 1.65
CA ASP A 90 -6.94 -26.79 0.83
C ASP A 90 -8.35 -26.65 0.28
N THR A 91 -9.27 -27.53 0.67
CA THR A 91 -10.68 -27.34 0.37
C THR A 91 -11.17 -26.08 1.08
N ALA A 92 -11.49 -25.05 0.31
CA ALA A 92 -11.84 -23.75 0.87
C ALA A 92 -12.67 -22.99 -0.16
N VAL A 93 -12.87 -21.70 0.10
CA VAL A 93 -13.49 -20.80 -0.85
C VAL A 93 -12.44 -19.76 -1.21
N TYR A 94 -12.37 -19.38 -2.48
CA TYR A 94 -11.31 -18.49 -2.96
C TYR A 94 -11.95 -17.27 -3.62
N TYR A 95 -12.28 -16.27 -2.81
CA TYR A 95 -12.82 -15.04 -3.36
C TYR A 95 -11.74 -14.23 -4.07
N CYS A 96 -12.17 -13.38 -4.97
CA CYS A 96 -11.37 -12.27 -5.45
C CYS A 96 -12.12 -11.00 -5.10
N ALA A 97 -11.39 -9.93 -4.82
CA ALA A 97 -12.01 -8.69 -4.39
C ALA A 97 -11.33 -7.55 -5.14
N ARG A 98 -11.58 -6.33 -4.71
CA ARG A 98 -11.03 -5.16 -5.36
C ARG A 98 -10.40 -4.28 -4.30
N ASP A 99 -9.07 -4.25 -4.27
CA ASP A 99 -8.38 -3.29 -3.43
C ASP A 99 -8.57 -1.89 -3.97
N VAL A 100 -8.83 -0.94 -3.09
CA VAL A 100 -9.14 0.42 -3.48
C VAL A 100 -7.88 1.26 -3.42
N ALA A 101 -7.51 1.85 -4.55
CA ALA A 101 -6.42 2.81 -4.57
C ALA A 101 -6.87 4.11 -3.94
N ARG A 102 -6.04 4.69 -3.08
CA ARG A 102 -6.37 5.95 -2.43
C ARG A 102 -5.65 7.10 -3.13
N GLY A 103 -6.24 7.52 -4.25
CA GLY A 103 -5.72 8.66 -4.96
C GLY A 103 -6.15 8.77 -6.40
N GLY A 104 -6.11 9.98 -6.95
CA GLY A 104 -6.40 10.21 -8.35
C GLY A 104 -5.14 10.53 -9.12
N TYR A 105 -4.71 9.61 -9.97
CA TYR A 105 -3.43 9.68 -10.65
C TYR A 105 -3.47 8.68 -11.80
N SER A 106 -2.30 8.41 -12.39
CA SER A 106 -2.20 7.50 -13.52
C SER A 106 -2.06 6.05 -13.09
N GLY A 107 -1.61 5.19 -13.97
CA GLY A 107 -1.49 3.79 -13.61
C GLY A 107 -0.29 3.48 -12.72
N THR A 108 -0.17 2.19 -12.40
CA THR A 108 1.01 1.56 -11.83
C THR A 108 1.43 2.17 -10.49
N ASP A 109 0.63 1.99 -9.44
CA ASP A 109 1.17 2.22 -8.11
C ASP A 109 1.14 0.94 -7.28
N PHE A 110 2.27 0.52 -6.81
CA PHE A 110 2.35 -0.72 -6.04
C PHE A 110 1.89 -0.56 -4.61
N PHE A 111 1.76 0.66 -4.11
CA PHE A 111 1.65 0.88 -2.67
C PHE A 111 0.31 1.38 -2.18
N ASP A 112 -0.54 1.95 -3.05
CA ASP A 112 -1.69 2.71 -2.55
C ASP A 112 -2.81 1.82 -2.03
N TYR A 113 -2.72 0.52 -2.22
CA TYR A 113 -3.79 -0.34 -1.77
C TYR A 113 -3.68 -0.56 -0.28
N TYR A 114 -4.19 0.40 0.49
CA TYR A 114 -4.28 0.24 1.93
C TYR A 114 -5.61 0.73 2.50
N TYR A 115 -6.64 0.88 1.66
CA TYR A 115 -7.95 1.29 2.14
C TYR A 115 -8.70 0.08 2.69
N GLY A 116 -8.90 -0.92 1.85
CA GLY A 116 -9.65 -2.10 2.24
C GLY A 116 -10.04 -2.87 0.98
N MET A 117 -11.09 -3.67 1.11
CA MET A 117 -11.67 -4.37 -0.03
C MET A 117 -13.17 -4.14 0.00
N ASP A 118 -13.68 -3.38 -0.98
CA ASP A 118 -15.08 -2.96 -0.97
C ASP A 118 -15.98 -3.99 -1.64
N VAL A 119 -15.72 -4.31 -2.90
CA VAL A 119 -16.55 -5.25 -3.65
C VAL A 119 -15.77 -6.56 -3.82
N TRP A 120 -16.53 -7.64 -3.96
CA TRP A 120 -15.98 -8.98 -3.94
C TRP A 120 -16.58 -9.78 -5.10
N GLY A 121 -16.06 -10.99 -5.30
CA GLY A 121 -16.57 -11.90 -6.30
C GLY A 121 -17.81 -12.61 -5.80
N GLN A 122 -17.91 -13.90 -6.12
CA GLN A 122 -18.97 -14.71 -5.56
C GLN A 122 -18.50 -16.06 -5.02
N GLY A 123 -17.21 -16.33 -5.03
CA GLY A 123 -16.71 -17.52 -4.38
C GLY A 123 -16.72 -18.76 -5.26
N THR A 124 -15.58 -19.43 -5.35
CA THR A 124 -15.45 -20.70 -6.06
C THR A 124 -15.04 -21.74 -5.04
N THR A 125 -16.01 -22.53 -4.56
CA THR A 125 -15.75 -23.49 -3.50
C THR A 125 -14.93 -24.66 -4.04
N VAL A 126 -13.61 -24.50 -4.06
CA VAL A 126 -12.71 -25.49 -4.64
C VAL A 126 -12.46 -26.58 -3.62
N THR A 127 -12.75 -27.82 -3.98
CA THR A 127 -12.53 -28.95 -3.10
C THR A 127 -11.34 -29.79 -3.58
N SER B 1 1.18 -12.57 10.82
CA SER B 1 0.22 -13.59 10.42
C SER B 1 -0.67 -13.99 11.59
N ALA B 2 -1.99 -14.08 11.31
CA ALA B 2 -3.02 -14.59 12.23
C ALA B 2 -3.08 -13.75 13.52
N LEU B 3 -3.51 -12.50 13.33
CA LEU B 3 -3.84 -11.64 14.47
C LEU B 3 -4.96 -12.25 15.29
N THR B 4 -4.65 -12.60 16.54
CA THR B 4 -5.65 -13.28 17.36
C THR B 4 -6.75 -12.31 17.77
N GLN B 5 -7.96 -12.83 17.84
CA GLN B 5 -9.20 -12.09 17.99
C GLN B 5 -10.27 -13.07 18.47
N PRO B 6 -10.99 -12.75 19.54
CA PRO B 6 -11.89 -13.74 20.13
C PRO B 6 -13.15 -13.94 19.30
N ALA B 7 -13.51 -15.21 19.11
CA ALA B 7 -14.76 -15.59 18.44
C ALA B 7 -15.85 -15.88 19.46
N SER B 8 -16.23 -14.84 20.19
CA SER B 8 -17.27 -14.94 21.21
C SER B 8 -18.10 -13.68 21.18
N VAL B 9 -19.42 -13.85 21.14
CA VAL B 9 -20.36 -12.74 20.96
C VAL B 9 -21.70 -13.15 21.53
N SER B 10 -22.34 -12.23 22.24
CA SER B 10 -23.63 -12.47 22.88
C SER B 10 -24.73 -11.88 22.01
N GLY B 11 -25.66 -12.72 21.57
CA GLY B 11 -26.75 -12.30 20.73
C GLY B 11 -27.97 -11.83 21.50
N SER B 12 -27.76 -10.89 22.42
CA SER B 12 -28.85 -10.29 23.19
C SER B 12 -29.10 -8.88 22.68
N PRO B 13 -30.23 -8.60 22.03
CA PRO B 13 -30.48 -7.25 21.53
C PRO B 13 -30.78 -6.27 22.65
N GLY B 14 -30.39 -5.02 22.42
CA GLY B 14 -30.63 -3.95 23.37
C GLY B 14 -29.43 -3.53 24.19
N GLN B 15 -28.25 -4.08 23.93
CA GLN B 15 -27.05 -3.74 24.69
C GLN B 15 -25.95 -3.31 23.73
N SER B 16 -24.73 -3.15 24.26
CA SER B 16 -23.59 -2.73 23.48
C SER B 16 -22.40 -3.62 23.79
N ILE B 17 -21.67 -4.01 22.73
CA ILE B 17 -20.54 -4.93 22.83
C ILE B 17 -19.30 -4.26 22.24
N THR B 18 -18.15 -4.90 22.46
CA THR B 18 -16.88 -4.40 21.97
C THR B 18 -15.96 -5.59 21.69
N ILE B 19 -15.33 -5.57 20.53
CA ILE B 19 -14.43 -6.63 20.09
C ILE B 19 -13.05 -6.02 19.87
N SER B 20 -12.04 -6.55 20.56
CA SER B 20 -10.68 -5.99 20.51
C SER B 20 -9.77 -6.92 19.73
N CYS B 21 -9.22 -6.42 18.62
CA CYS B 21 -8.26 -7.14 17.81
C CYS B 21 -6.85 -6.74 18.19
N THR B 22 -6.06 -7.70 18.65
CA THR B 22 -4.68 -7.43 19.04
C THR B 22 -3.77 -7.62 17.82
N GLY B 23 -2.47 -7.64 18.05
CA GLY B 23 -1.52 -7.83 16.98
C GLY B 23 -0.16 -7.29 17.37
N THR B 24 0.84 -7.69 16.59
CA THR B 24 2.20 -7.26 16.85
C THR B 24 2.39 -5.82 16.41
N SER B 25 3.50 -5.22 16.85
CA SER B 25 3.78 -3.81 16.53
C SER B 25 4.50 -3.66 15.20
N SER B 26 3.96 -4.33 14.18
CA SER B 26 4.19 -4.04 12.78
C SER B 26 2.93 -4.33 11.98
N ASP B 27 1.95 -5.00 12.57
CA ASP B 27 0.73 -5.38 11.89
C ASP B 27 -0.33 -4.32 12.18
N VAL B 28 -0.67 -4.20 13.46
CA VAL B 28 -1.57 -3.17 13.99
C VAL B 28 -0.83 -2.48 15.12
N GLY B 29 -0.68 -1.17 15.01
CA GLY B 29 0.12 -0.45 15.97
C GLY B 29 1.33 0.15 15.28
N GLY B 30 1.91 -0.60 14.35
CA GLY B 30 2.82 -0.01 13.41
C GLY B 30 2.14 0.87 12.39
N TYR B 31 0.84 0.69 12.19
CA TYR B 31 0.07 1.46 11.24
C TYR B 31 -1.25 1.86 11.88
N ASN B 32 -1.91 2.83 11.27
CA ASN B 32 -3.25 3.25 11.70
C ASN B 32 -4.27 2.88 10.63
N TYR B 33 -4.13 1.67 10.11
CA TYR B 33 -4.79 1.23 8.87
C TYR B 33 -5.66 0.01 9.08
N VAL B 34 -6.03 -0.28 10.32
CA VAL B 34 -6.84 -1.46 10.62
C VAL B 34 -8.25 -1.31 10.04
N SER B 35 -8.69 -2.30 9.30
CA SER B 35 -10.01 -2.28 8.71
C SER B 35 -10.82 -3.45 9.23
N TRP B 36 -12.12 -3.40 9.01
CA TRP B 36 -13.02 -4.41 9.52
C TRP B 36 -14.03 -4.83 8.45
N TYR B 37 -14.39 -6.12 8.47
CA TYR B 37 -15.32 -6.70 7.52
C TYR B 37 -16.35 -7.52 8.29
N GLN B 38 -17.57 -7.59 7.78
CA GLN B 38 -18.53 -8.57 8.28
C GLN B 38 -18.93 -9.49 7.13
N GLN B 39 -19.24 -10.73 7.47
CA GLN B 39 -19.46 -11.75 6.46
C GLN B 39 -20.78 -12.49 6.72
N HIS B 40 -21.53 -12.72 5.64
CA HIS B 40 -22.73 -13.53 5.73
C HIS B 40 -22.35 -14.99 5.91
N PRO B 41 -23.28 -15.82 6.38
CA PRO B 41 -23.06 -17.28 6.28
C PRO B 41 -23.00 -17.76 4.85
N ASP B 42 -21.80 -18.19 4.43
CA ASP B 42 -21.52 -18.74 3.10
C ASP B 42 -21.79 -17.75 1.97
N LYS B 43 -21.57 -16.47 2.20
CA LYS B 43 -21.48 -15.47 1.13
C LYS B 43 -20.19 -14.66 1.30
N ALA B 44 -20.00 -13.70 0.39
CA ALA B 44 -18.84 -12.84 0.44
C ALA B 44 -18.97 -11.81 1.56
N PRO B 45 -17.87 -11.32 2.11
CA PRO B 45 -17.94 -10.28 3.14
C PRO B 45 -18.21 -8.91 2.53
N LYS B 46 -18.40 -7.91 3.39
CA LYS B 46 -18.54 -6.54 2.95
C LYS B 46 -17.89 -5.61 3.97
N LEU B 47 -17.52 -4.42 3.50
CA LEU B 47 -16.61 -3.53 4.20
C LEU B 47 -17.35 -2.60 5.16
N LEU B 48 -16.75 -2.38 6.33
CA LEU B 48 -17.34 -1.53 7.37
C LEU B 48 -16.49 -0.33 7.73
N ILE B 49 -15.23 -0.56 8.10
CA ILE B 49 -14.29 0.48 8.50
C ILE B 49 -13.11 0.40 7.56
N TYR B 50 -12.47 1.52 7.26
CA TYR B 50 -11.23 1.41 6.52
C TYR B 50 -10.01 1.89 7.29
N ASP B 51 -9.95 3.14 7.77
CA ASP B 51 -8.67 3.57 8.34
C ASP B 51 -8.51 3.16 9.80
N VAL B 52 -9.22 3.83 10.72
CA VAL B 52 -9.34 3.37 12.10
C VAL B 52 -10.81 3.48 12.49
N ASN B 53 -11.38 4.66 12.26
CA ASN B 53 -12.70 5.05 12.74
C ASN B 53 -13.75 5.15 11.64
N ASN B 54 -13.35 5.14 10.36
CA ASN B 54 -14.17 5.68 9.30
C ASN B 54 -15.27 4.70 8.87
N ARG B 55 -15.93 5.00 7.75
CA ARG B 55 -16.97 4.18 7.17
C ARG B 55 -17.12 4.58 5.72
N PRO B 56 -17.38 3.65 4.82
CA PRO B 56 -17.90 4.02 3.48
C PRO B 56 -19.38 4.35 3.57
N SER B 57 -19.96 4.64 2.41
CA SER B 57 -21.26 5.33 2.36
C SER B 57 -22.40 4.47 2.86
N GLY B 58 -22.45 3.20 2.46
CA GLY B 58 -23.56 2.35 2.83
C GLY B 58 -23.42 1.67 4.18
N VAL B 59 -23.00 2.42 5.20
CA VAL B 59 -22.64 1.89 6.51
C VAL B 59 -23.44 2.65 7.56
N SER B 60 -24.02 1.91 8.51
CA SER B 60 -24.83 2.50 9.56
C SER B 60 -23.97 3.30 10.54
N THR B 61 -24.67 3.98 11.47
CA THR B 61 -24.01 4.90 12.39
C THR B 61 -23.23 4.17 13.48
N ARG B 62 -23.72 3.02 13.93
CA ARG B 62 -23.11 2.35 15.08
C ARG B 62 -21.80 1.66 14.74
N PHE B 63 -21.50 1.49 13.46
CA PHE B 63 -20.31 0.75 13.03
C PHE B 63 -19.10 1.67 13.20
N SER B 64 -18.40 1.52 14.33
CA SER B 64 -17.27 2.37 14.65
C SER B 64 -16.12 1.53 15.17
N GLY B 65 -14.91 1.88 14.74
CA GLY B 65 -13.70 1.23 15.19
C GLY B 65 -12.80 2.21 15.92
N SER B 66 -11.79 1.65 16.60
CA SER B 66 -10.85 2.46 17.35
C SER B 66 -9.57 1.66 17.55
N LYS B 67 -8.49 2.37 17.87
CA LYS B 67 -7.21 1.75 18.18
C LYS B 67 -6.88 1.98 19.65
N SER B 68 -5.87 1.25 20.12
CA SER B 68 -5.37 1.45 21.48
C SER B 68 -3.85 1.37 21.54
N GLY B 69 -3.18 1.77 20.47
CA GLY B 69 -1.72 1.72 20.42
C GLY B 69 -1.16 0.43 19.89
N ASN B 70 -1.69 -0.71 20.37
CA ASN B 70 -1.34 -2.01 19.83
C ASN B 70 -2.54 -2.92 19.59
N THR B 71 -3.68 -2.67 20.24
CA THR B 71 -4.85 -3.53 20.17
C THR B 71 -6.00 -2.72 19.55
N ALA B 72 -6.28 -2.94 18.28
CA ALA B 72 -7.40 -2.27 17.63
C ALA B 72 -8.72 -2.81 18.16
N SER B 73 -9.77 -2.02 18.00
CA SER B 73 -11.05 -2.39 18.60
C SER B 73 -12.21 -1.77 17.84
N LEU B 74 -13.17 -2.61 17.49
CA LEU B 74 -14.48 -2.17 17.02
C LEU B 74 -15.48 -2.31 18.16
N THR B 75 -16.47 -1.42 18.17
CA THR B 75 -17.57 -1.50 19.11
C THR B 75 -18.89 -1.40 18.38
N ILE B 76 -19.92 -1.98 18.99
CA ILE B 76 -21.29 -1.95 18.49
C ILE B 76 -22.15 -1.36 19.60
N SER B 77 -22.95 -0.36 19.26
CA SER B 77 -23.92 0.19 20.18
C SER B 77 -25.31 0.05 19.56
N ARG B 78 -26.32 -0.15 20.43
CA ARG B 78 -27.71 -0.40 20.06
C ARG B 78 -27.81 -1.59 19.10
N LEU B 79 -27.51 -2.76 19.66
CA LEU B 79 -27.36 -4.00 18.90
C LEU B 79 -28.71 -4.39 18.30
N GLN B 80 -28.84 -4.21 17.00
CA GLN B 80 -30.07 -4.52 16.28
C GLN B 80 -30.26 -6.04 16.26
N THR B 81 -31.53 -6.46 16.22
CA THR B 81 -31.91 -7.82 16.60
C THR B 81 -31.35 -8.88 15.67
N ASP B 82 -31.38 -8.64 14.35
CA ASP B 82 -30.84 -9.58 13.39
C ASP B 82 -29.76 -8.88 12.55
N ASP B 83 -28.55 -8.81 13.12
CA ASP B 83 -27.44 -8.22 12.40
C ASP B 83 -26.17 -9.02 12.68
N GLU B 84 -26.26 -10.15 13.37
CA GLU B 84 -25.06 -10.87 13.78
C GLU B 84 -24.43 -11.58 12.59
N ALA B 85 -23.11 -11.42 12.44
CA ALA B 85 -22.41 -11.94 11.28
C ALA B 85 -21.00 -12.34 11.71
N ASP B 86 -20.12 -12.54 10.74
CA ASP B 86 -18.75 -12.98 10.96
C ASP B 86 -17.84 -11.77 10.82
N TYR B 87 -17.44 -11.19 11.94
CA TYR B 87 -16.62 -9.98 11.92
C TYR B 87 -15.15 -10.35 11.76
N SER B 88 -14.49 -9.75 10.76
CA SER B 88 -13.12 -10.06 10.42
C SER B 88 -12.33 -8.77 10.23
N CYS B 89 -11.04 -8.84 10.56
CA CYS B 89 -10.16 -7.68 10.56
C CYS B 89 -9.23 -7.69 9.36
N SER B 90 -8.46 -6.61 9.24
CA SER B 90 -7.34 -6.54 8.32
C SER B 90 -6.44 -5.42 8.81
N SER B 91 -5.31 -5.23 8.10
CA SER B 91 -4.34 -4.18 8.40
C SER B 91 -3.34 -4.14 7.28
N TYR B 92 -2.83 -2.95 7.00
CA TYR B 92 -1.59 -2.87 6.24
C TYR B 92 -0.51 -3.50 7.09
N THR B 93 0.33 -4.33 6.50
CA THR B 93 1.07 -5.29 7.29
C THR B 93 2.55 -5.23 6.90
N SER B 94 3.07 -4.01 6.77
CA SER B 94 4.50 -3.67 6.70
C SER B 94 5.24 -4.30 5.52
N SER B 95 4.54 -5.02 4.66
CA SER B 95 5.11 -5.72 3.52
C SER B 95 4.16 -5.67 2.34
N ASN B 96 3.21 -4.74 2.37
CA ASN B 96 2.06 -4.52 1.49
C ASN B 96 0.96 -5.56 1.65
N THR B 97 1.15 -6.58 2.48
CA THR B 97 0.13 -7.60 2.65
C THR B 97 -1.00 -7.05 3.50
N TRP B 98 -2.11 -7.78 3.52
CA TRP B 98 -3.13 -7.67 4.55
C TRP B 98 -2.98 -8.88 5.45
N VAL B 99 -3.60 -8.82 6.62
CA VAL B 99 -3.66 -9.98 7.50
C VAL B 99 -5.02 -10.04 8.19
N PHE B 100 -5.79 -11.07 7.87
CA PHE B 100 -7.14 -11.21 8.38
C PHE B 100 -7.09 -12.09 9.62
N GLY B 101 -7.61 -11.58 10.73
CA GLY B 101 -7.53 -12.35 11.94
C GLY B 101 -8.81 -13.05 12.35
N GLY B 102 -8.91 -14.32 12.00
CA GLY B 102 -9.97 -15.20 12.47
C GLY B 102 -11.36 -14.71 12.09
N GLY B 103 -12.24 -14.73 13.09
CA GLY B 103 -13.59 -14.22 12.93
C GLY B 103 -14.24 -14.09 14.28
N THR B 104 -15.52 -13.71 14.27
CA THR B 104 -16.30 -13.65 15.49
C THR B 104 -17.73 -14.02 15.14
N LYS B 105 -18.23 -15.10 15.74
CA LYS B 105 -19.58 -15.58 15.49
C LYS B 105 -20.05 -16.46 16.65
N ASN C 1 19.99 13.55 -30.10
CA ASN C 1 19.85 13.96 -28.70
C ASN C 1 19.14 12.89 -27.90
N LEU C 2 19.33 12.94 -26.57
CA LEU C 2 18.64 12.04 -25.64
C LEU C 2 18.74 12.64 -24.24
N CYS C 3 17.82 12.24 -23.37
CA CYS C 3 17.85 12.66 -21.98
C CYS C 3 18.86 11.84 -21.19
N PRO C 4 19.35 12.37 -20.06
CA PRO C 4 20.09 11.55 -19.10
C PRO C 4 19.22 10.91 -18.02
N PHE C 5 18.18 10.17 -18.44
CA PHE C 5 17.38 9.45 -17.45
C PHE C 5 18.16 8.30 -16.85
N ASP C 6 18.90 7.56 -17.66
CA ASP C 6 19.69 6.46 -17.12
C ASP C 6 20.90 6.96 -16.33
N GLU C 7 21.25 8.23 -16.43
CA GLU C 7 22.14 8.86 -15.46
C GLU C 7 21.42 9.25 -14.19
N VAL C 8 20.09 9.28 -14.19
CA VAL C 8 19.29 9.59 -13.01
C VAL C 8 18.74 8.32 -12.38
N PHE C 9 18.11 7.46 -13.18
CA PHE C 9 17.54 6.23 -12.64
C PHE C 9 18.61 5.19 -12.35
N ASN C 10 19.48 4.92 -13.31
CA ASN C 10 20.54 3.93 -13.16
C ASN C 10 21.83 4.59 -12.69
N ALA C 11 21.74 5.30 -11.57
CA ALA C 11 22.87 5.97 -10.95
C ALA C 11 23.45 5.09 -9.86
N THR C 12 24.66 5.44 -9.42
CA THR C 12 25.37 4.61 -8.45
C THR C 12 24.78 4.77 -7.05
N ARG C 13 24.83 5.98 -6.51
CA ARG C 13 24.33 6.28 -5.17
C ARG C 13 23.38 7.46 -5.26
N PHE C 14 22.23 7.34 -4.62
CA PHE C 14 21.26 8.42 -4.65
C PHE C 14 21.47 9.39 -3.49
N ALA C 15 20.69 10.46 -3.51
CA ALA C 15 20.63 11.39 -2.40
C ALA C 15 19.89 10.76 -1.23
N SER C 16 20.00 11.40 -0.08
CA SER C 16 19.08 11.10 1.00
C SER C 16 17.82 11.94 0.80
N VAL C 17 16.82 11.71 1.65
CA VAL C 17 15.57 12.43 1.50
C VAL C 17 15.65 13.85 2.07
N TYR C 18 16.50 14.08 3.08
CA TYR C 18 16.63 15.45 3.61
C TYR C 18 17.37 16.35 2.64
N ALA C 19 18.22 15.79 1.79
CA ALA C 19 19.05 16.53 0.86
C ALA C 19 18.87 15.99 -0.55
N TRP C 20 17.61 15.89 -0.98
CA TRP C 20 17.23 15.37 -2.29
C TRP C 20 17.86 16.19 -3.41
N ASN C 21 18.78 15.59 -4.17
CA ASN C 21 19.50 16.34 -5.18
C ASN C 21 18.62 16.50 -6.41
N ARG C 22 18.08 17.71 -6.56
CA ARG C 22 17.27 18.05 -7.73
C ARG C 22 18.14 18.12 -8.97
N LYS C 23 17.70 17.45 -10.03
CA LYS C 23 18.46 17.38 -11.27
C LYS C 23 17.57 17.90 -12.40
N ARG C 24 18.03 18.92 -13.10
CA ARG C 24 17.22 19.60 -14.09
C ARG C 24 17.51 19.04 -15.47
N ILE C 25 16.46 18.77 -16.24
CA ILE C 25 16.55 18.16 -17.56
C ILE C 25 15.94 19.12 -18.56
N SER C 26 16.71 19.50 -19.57
CA SER C 26 16.24 20.39 -20.64
C SER C 26 17.14 20.22 -21.86
N ASN C 27 16.70 20.82 -22.97
CA ASN C 27 17.40 20.83 -24.26
C ASN C 27 17.68 19.41 -24.75
N CYS C 28 16.60 18.68 -24.99
CA CYS C 28 16.65 17.22 -25.01
C CYS C 28 15.34 16.67 -25.56
N VAL C 29 15.36 15.38 -25.90
CA VAL C 29 14.16 14.64 -26.29
C VAL C 29 13.96 13.53 -25.27
N ALA C 30 12.71 13.36 -24.83
CA ALA C 30 12.39 12.54 -23.67
C ALA C 30 11.61 11.31 -24.13
N ASP C 31 12.33 10.21 -24.35
CA ASP C 31 11.71 8.96 -24.74
C ASP C 31 11.23 8.26 -23.46
N TYR C 32 9.91 8.13 -23.32
CA TYR C 32 9.31 7.47 -22.16
C TYR C 32 8.82 6.06 -22.48
N SER C 33 9.16 5.54 -23.66
CA SER C 33 8.72 4.19 -24.01
C SER C 33 9.52 3.12 -23.28
N VAL C 34 10.68 3.46 -22.76
CA VAL C 34 11.51 2.51 -22.01
C VAL C 34 11.31 2.75 -20.53
N LEU C 35 10.31 3.56 -20.19
CA LEU C 35 10.24 4.09 -18.84
C LEU C 35 8.87 3.86 -18.19
N TYR C 36 7.95 3.19 -18.87
CA TYR C 36 6.63 3.01 -18.27
C TYR C 36 6.41 1.58 -17.82
N ASN C 37 6.79 0.61 -18.66
CA ASN C 37 6.67 -0.79 -18.28
C ASN C 37 8.03 -1.48 -18.31
N LEU C 38 9.08 -0.74 -18.00
CA LEU C 38 10.33 -1.36 -17.58
C LEU C 38 10.08 -2.10 -16.27
N ALA C 39 10.76 -3.24 -16.11
CA ALA C 39 10.48 -4.21 -15.05
C ALA C 39 10.57 -3.67 -13.61
N PRO C 40 11.66 -2.99 -13.16
CA PRO C 40 11.62 -2.48 -11.80
C PRO C 40 11.13 -1.05 -11.73
N PHE C 41 9.84 -0.82 -12.00
CA PHE C 41 9.11 0.46 -11.83
C PHE C 41 7.76 0.21 -11.15
N PHE C 42 7.80 -0.41 -9.97
CA PHE C 42 6.65 -0.68 -9.10
C PHE C 42 5.67 0.47 -8.94
N THR C 43 6.18 1.69 -8.79
CA THR C 43 5.38 2.89 -8.65
C THR C 43 5.57 3.78 -9.86
N PHE C 44 4.46 4.19 -10.47
CA PHE C 44 4.53 5.17 -11.55
C PHE C 44 3.37 6.14 -11.47
N LYS C 45 3.13 6.72 -10.29
CA LYS C 45 2.08 7.71 -10.12
C LYS C 45 2.36 8.97 -10.93
N CYS C 46 1.63 9.17 -12.03
CA CYS C 46 1.66 10.42 -12.77
C CYS C 46 0.35 11.17 -12.52
N TYR C 47 0.43 12.49 -12.40
CA TYR C 47 -0.71 13.25 -11.90
C TYR C 47 -1.31 14.17 -12.97
N GLY C 48 -0.53 15.07 -13.54
CA GLY C 48 -1.08 15.98 -14.52
C GLY C 48 -1.17 15.45 -15.92
N VAL C 49 -0.68 14.24 -16.16
CA VAL C 49 -0.57 13.67 -17.50
C VAL C 49 -1.06 12.24 -17.51
N SER C 50 -0.93 11.58 -18.65
CA SER C 50 -1.08 10.14 -18.75
C SER C 50 0.17 9.56 -19.39
N PRO C 51 0.72 8.46 -18.86
CA PRO C 51 2.05 8.02 -19.29
C PRO C 51 2.09 7.39 -20.66
N THR C 52 0.94 6.98 -21.20
CA THR C 52 0.90 6.55 -22.60
C THR C 52 1.12 7.74 -23.53
N LYS C 53 0.47 8.87 -23.24
CA LYS C 53 0.63 10.09 -24.02
C LYS C 53 1.70 11.02 -23.45
N LEU C 54 2.69 10.47 -22.75
CA LEU C 54 3.83 11.27 -22.34
C LEU C 54 4.84 11.49 -23.45
N ASN C 55 4.75 10.73 -24.54
CA ASN C 55 5.71 10.83 -25.64
C ASN C 55 5.39 11.94 -26.61
N ASP C 56 4.30 12.68 -26.41
CA ASP C 56 3.93 13.74 -27.35
C ASP C 56 3.46 15.01 -26.64
N LEU C 57 4.02 15.28 -25.46
CA LEU C 57 3.70 16.48 -24.70
C LEU C 57 5.01 17.25 -24.48
N CYS C 58 5.20 18.33 -25.22
CA CYS C 58 6.42 19.12 -25.13
C CYS C 58 6.35 20.05 -23.94
N PHE C 59 7.36 19.98 -23.08
CA PHE C 59 7.47 20.85 -21.91
C PHE C 59 8.72 21.70 -22.00
N THR C 60 8.66 22.88 -21.40
CA THR C 60 9.78 23.81 -21.41
C THR C 60 10.83 23.49 -20.34
N ASN C 61 10.53 22.59 -19.41
CA ASN C 61 11.47 22.23 -18.36
C ASN C 61 11.07 20.87 -17.79
N VAL C 62 12.07 20.12 -17.34
CA VAL C 62 11.85 18.89 -16.60
C VAL C 62 12.78 18.90 -15.39
N TYR C 63 12.21 18.82 -14.20
CA TYR C 63 12.98 18.56 -13.00
C TYR C 63 12.95 17.08 -12.68
N ALA C 64 13.97 16.61 -11.96
CA ALA C 64 14.05 15.21 -11.56
C ALA C 64 14.58 15.16 -10.13
N ASP C 65 13.68 15.19 -9.16
CA ASP C 65 14.06 14.93 -7.79
C ASP C 65 14.41 13.45 -7.64
N SER C 66 15.32 13.15 -6.71
CA SER C 66 15.72 11.77 -6.51
C SER C 66 16.24 11.60 -5.08
N PHE C 67 15.78 10.55 -4.41
CA PHE C 67 16.19 10.27 -3.03
C PHE C 67 15.95 8.80 -2.75
N VAL C 68 16.11 8.40 -1.49
CA VAL C 68 15.87 7.04 -1.04
C VAL C 68 15.03 7.10 0.22
N ILE C 69 13.86 6.47 0.20
CA ILE C 69 12.96 6.41 1.35
C ILE C 69 12.50 4.97 1.54
N ARG C 70 11.74 4.78 2.62
CA ARG C 70 11.16 3.48 2.94
C ARG C 70 10.07 3.12 1.92
N GLY C 71 9.60 1.88 2.00
CA GLY C 71 8.45 1.49 1.21
C GLY C 71 7.18 2.21 1.66
N ASP C 72 6.91 2.19 2.97
CA ASP C 72 5.67 2.75 3.46
C ASP C 72 5.73 4.25 3.67
N GLU C 73 6.74 4.91 3.12
CA GLU C 73 6.80 6.36 3.09
C GLU C 73 6.62 6.93 1.70
N VAL C 74 6.32 6.08 0.70
CA VAL C 74 5.96 6.57 -0.63
C VAL C 74 4.53 7.11 -0.61
N ARG C 75 3.77 6.82 0.45
CA ARG C 75 2.44 7.40 0.60
C ARG C 75 2.47 8.91 0.79
N GLN C 76 3.57 9.48 1.33
CA GLN C 76 3.63 10.93 1.46
C GLN C 76 4.10 11.62 0.20
N ILE C 77 4.75 10.91 -0.71
CA ILE C 77 5.24 11.58 -1.91
C ILE C 77 4.07 11.61 -2.89
N ALA C 78 3.17 12.57 -2.69
CA ALA C 78 1.89 12.68 -3.32
C ALA C 78 1.36 14.05 -2.87
N PRO C 79 0.62 14.76 -3.73
CA PRO C 79 0.05 16.05 -3.32
C PRO C 79 -0.98 15.93 -2.21
N GLY C 80 -0.92 16.84 -1.24
CA GLY C 80 -1.94 16.94 -0.22
C GLY C 80 -1.88 15.91 0.89
N GLN C 81 -0.77 15.17 1.00
CA GLN C 81 -0.62 14.18 2.05
C GLN C 81 0.24 14.72 3.19
N THR C 82 -0.04 14.23 4.39
CA THR C 82 0.67 14.68 5.59
C THR C 82 1.37 13.50 6.25
N GLY C 83 2.64 13.69 6.59
CA GLY C 83 3.43 12.74 7.35
C GLY C 83 4.55 13.47 8.06
N ASN C 84 5.75 12.92 8.00
CA ASN C 84 6.94 13.72 8.26
C ASN C 84 7.92 13.55 7.12
N ILE C 85 7.42 13.10 5.97
CA ILE C 85 8.17 13.09 4.73
C ILE C 85 7.63 14.11 3.73
N ALA C 86 6.33 14.38 3.75
CA ALA C 86 5.79 15.45 2.93
C ALA C 86 5.71 16.74 3.74
N ASP C 87 5.50 16.63 5.05
CA ASP C 87 5.38 17.82 5.88
C ASP C 87 6.76 18.42 6.14
N TYR C 88 7.64 17.64 6.75
CA TYR C 88 8.86 18.19 7.32
C TYR C 88 10.06 18.01 6.42
N ASN C 89 9.97 17.17 5.39
CA ASN C 89 11.15 16.64 4.74
C ASN C 89 11.18 16.94 3.24
N TYR C 90 10.11 16.65 2.51
CA TYR C 90 10.08 16.91 1.07
C TYR C 90 8.62 17.10 0.65
N LYS C 91 8.21 18.35 0.46
CA LYS C 91 6.83 18.66 0.14
C LYS C 91 6.64 18.73 -1.37
N LEU C 92 5.63 18.03 -1.86
CA LEU C 92 5.20 18.02 -3.25
C LEU C 92 4.02 18.98 -3.41
N PRO C 93 3.98 19.78 -4.48
CA PRO C 93 2.95 20.81 -4.59
C PRO C 93 1.56 20.23 -4.85
N ASP C 94 0.55 21.02 -4.47
CA ASP C 94 -0.83 20.67 -4.81
C ASP C 94 -1.07 20.77 -6.32
N ASP C 95 -0.34 21.66 -7.00
CA ASP C 95 -0.42 21.83 -8.44
C ASP C 95 0.62 20.97 -9.17
N PHE C 96 0.94 19.81 -8.61
CA PHE C 96 1.90 18.89 -9.19
C PHE C 96 1.44 18.39 -10.56
N THR C 97 2.40 18.21 -11.46
CA THR C 97 2.08 17.76 -12.81
C THR C 97 3.03 16.68 -13.33
N GLY C 98 4.03 16.28 -12.57
CA GLY C 98 5.01 15.30 -13.00
C GLY C 98 4.61 13.89 -12.63
N CYS C 99 5.61 13.05 -12.42
CA CYS C 99 5.41 11.63 -12.12
C CYS C 99 6.25 11.23 -10.92
N VAL C 100 5.73 10.31 -10.12
CA VAL C 100 6.44 9.77 -8.97
C VAL C 100 6.78 8.32 -9.26
N ILE C 101 8.07 8.03 -9.35
CA ILE C 101 8.57 6.71 -9.73
C ILE C 101 9.36 6.14 -8.55
N ALA C 102 9.30 4.83 -8.36
CA ALA C 102 9.99 4.20 -7.25
C ALA C 102 10.23 2.73 -7.57
N TRP C 103 11.26 2.16 -6.95
CA TRP C 103 11.53 0.74 -7.09
C TRP C 103 12.36 0.27 -5.91
N ASN C 104 12.23 -1.02 -5.60
CA ASN C 104 12.95 -1.60 -4.48
C ASN C 104 14.44 -1.67 -4.76
N SER C 105 15.24 -1.31 -3.75
CA SER C 105 16.68 -1.30 -3.87
C SER C 105 17.32 -1.90 -2.63
N ASN C 106 16.84 -3.08 -2.23
CA ASN C 106 17.36 -3.74 -1.04
C ASN C 106 18.82 -4.16 -1.22
N LYS C 107 19.22 -4.45 -2.45
CA LYS C 107 20.60 -4.88 -2.71
C LYS C 107 21.57 -3.72 -2.68
N LEU C 108 21.16 -2.55 -3.17
CA LEU C 108 22.08 -1.44 -3.39
C LEU C 108 22.24 -0.53 -2.19
N ASP C 109 21.27 -0.51 -1.27
CA ASP C 109 21.35 0.39 -0.12
C ASP C 109 21.47 -0.36 1.20
N SER C 110 20.55 -1.27 1.51
CA SER C 110 20.58 -1.97 2.78
C SER C 110 21.61 -3.09 2.76
N LYS C 111 22.34 -3.24 3.87
CA LYS C 111 23.34 -4.28 4.01
C LYS C 111 22.97 -5.22 5.14
N VAL C 112 23.84 -6.21 5.37
CA VAL C 112 23.49 -7.34 6.23
C VAL C 112 23.40 -6.95 7.70
N SER C 113 24.31 -6.11 8.19
CA SER C 113 24.21 -5.63 9.57
C SER C 113 23.27 -4.42 9.65
N GLY C 114 23.62 -3.34 8.97
CA GLY C 114 22.78 -2.17 8.86
C GLY C 114 23.52 -1.04 8.19
N ASN C 115 22.87 -0.36 7.26
CA ASN C 115 23.47 0.75 6.52
C ASN C 115 22.80 2.03 6.96
N TYR C 116 23.59 2.97 7.46
CA TYR C 116 23.08 4.16 8.12
C TYR C 116 23.60 5.43 7.46
N ASN C 117 23.73 5.40 6.13
CA ASN C 117 24.14 6.56 5.37
C ASN C 117 22.96 7.34 4.80
N TYR C 118 21.75 7.03 5.23
CA TYR C 118 20.54 7.72 4.78
C TYR C 118 19.84 8.36 5.97
N LEU C 119 19.47 9.63 5.83
CA LEU C 119 18.99 10.43 6.95
C LEU C 119 17.70 11.14 6.56
N TYR C 120 16.85 11.39 7.55
CA TYR C 120 15.60 12.12 7.33
C TYR C 120 15.36 13.12 8.46
N ARG C 121 14.56 14.15 8.13
CA ARG C 121 14.28 15.26 9.03
C ARG C 121 13.07 14.94 9.90
N LEU C 122 13.36 14.39 11.09
CA LEU C 122 12.27 14.05 12.01
C LEU C 122 11.67 15.29 12.65
N PHE C 123 12.50 16.23 13.06
CA PHE C 123 12.03 17.37 13.86
C PHE C 123 12.27 18.70 13.14
N ARG C 124 11.18 19.45 12.99
CA ARG C 124 11.13 20.80 12.43
C ARG C 124 9.78 21.41 12.75
N LYS C 125 9.76 22.62 13.34
CA LYS C 125 8.48 23.18 13.75
C LYS C 125 7.85 24.08 12.70
N SER C 126 8.39 24.14 11.48
CA SER C 126 7.78 24.84 10.35
C SER C 126 7.60 23.79 9.24
N ASN C 127 6.41 23.74 8.67
CA ASN C 127 6.16 22.85 7.54
C ASN C 127 6.89 23.35 6.31
N LEU C 128 7.41 22.45 5.50
CA LEU C 128 8.08 22.85 4.27
C LEU C 128 7.07 23.31 3.23
N LYS C 129 7.39 24.43 2.58
CA LYS C 129 6.69 24.81 1.38
C LYS C 129 7.10 23.87 0.25
N PRO C 130 6.28 23.76 -0.81
CA PRO C 130 6.64 22.89 -1.94
C PRO C 130 7.97 23.26 -2.61
N PHE C 131 8.73 22.21 -2.95
CA PHE C 131 9.90 22.26 -3.82
C PHE C 131 11.06 23.06 -3.23
N GLU C 132 11.30 22.91 -1.92
CA GLU C 132 12.56 23.36 -1.34
C GLU C 132 12.91 22.48 -0.15
N ARG C 133 14.20 22.50 0.21
CA ARG C 133 14.76 21.66 1.24
C ARG C 133 15.42 22.52 2.32
N ASP C 134 15.66 21.90 3.48
CA ASP C 134 16.65 22.38 4.42
C ASP C 134 17.71 21.31 4.58
N ILE C 135 18.96 21.65 4.30
CA ILE C 135 20.07 20.73 4.41
C ILE C 135 20.84 20.92 5.71
N SER C 136 20.84 22.13 6.27
CA SER C 136 21.61 22.44 7.47
C SER C 136 20.99 21.80 8.71
N THR C 137 21.84 21.30 9.60
CA THR C 137 21.41 20.68 10.83
C THR C 137 21.91 21.49 12.03
N GLU C 138 21.02 21.62 13.03
CA GLU C 138 21.38 22.23 14.30
C GLU C 138 20.46 21.63 15.35
N ILE C 139 20.97 21.46 16.57
CA ILE C 139 20.30 20.68 17.60
C ILE C 139 19.12 21.47 18.16
N TYR C 140 19.13 22.78 18.00
CA TYR C 140 18.09 23.64 18.55
C TYR C 140 16.79 23.53 17.76
N GLN C 141 15.96 22.58 18.19
CA GLN C 141 14.55 22.60 17.85
C GLN C 141 13.72 23.09 19.02
N ALA C 142 12.63 23.80 18.70
CA ALA C 142 11.86 24.54 19.69
C ALA C 142 10.93 23.63 20.48
N GLY C 143 11.52 22.77 21.31
CA GLY C 143 10.73 22.13 22.34
C GLY C 143 10.46 23.09 23.48
N ASN C 144 11.52 23.41 24.22
CA ASN C 144 11.56 24.42 25.28
C ASN C 144 13.01 24.59 25.71
N LYS C 145 13.27 25.44 26.71
CA LYS C 145 14.58 25.71 27.32
C LYS C 145 15.64 26.10 26.28
N PRO C 146 15.64 27.36 25.80
CA PRO C 146 16.43 27.73 24.62
C PRO C 146 17.95 27.66 24.73
N CYS C 147 18.50 27.14 25.82
CA CYS C 147 19.94 26.93 25.99
C CYS C 147 20.49 26.00 24.91
N ASN C 148 21.67 26.33 24.38
CA ASN C 148 22.19 25.66 23.21
C ASN C 148 23.44 24.85 23.53
N GLY C 149 23.53 23.68 22.92
CA GLY C 149 24.69 22.82 23.13
C GLY C 149 24.42 21.44 22.56
N VAL C 150 25.39 20.55 22.79
CA VAL C 150 25.30 19.16 22.38
C VAL C 150 24.64 18.31 23.47
N ALA C 151 23.31 18.33 23.50
CA ALA C 151 22.54 17.63 24.53
C ALA C 151 21.13 17.40 23.98
N GLY C 152 20.24 16.96 24.87
CA GLY C 152 18.88 16.69 24.45
C GLY C 152 17.85 16.75 25.57
N PHE C 153 16.86 15.86 25.47
CA PHE C 153 15.77 15.58 26.42
C PHE C 153 14.71 16.68 26.47
N ASN C 154 14.98 17.82 25.87
CA ASN C 154 13.97 18.83 25.58
C ASN C 154 14.09 19.33 24.15
N CYS C 155 15.30 19.51 23.65
CA CYS C 155 15.57 19.89 22.27
C CYS C 155 16.48 18.84 21.66
N TYR C 156 16.02 18.21 20.59
CA TYR C 156 16.63 17.00 20.05
C TYR C 156 17.33 17.29 18.73
N PHE C 157 18.31 16.44 18.43
CA PHE C 157 19.03 16.53 17.17
C PHE C 157 18.09 16.14 16.03
N PRO C 158 17.99 16.96 14.98
CA PRO C 158 16.93 16.78 13.97
C PRO C 158 17.06 15.54 13.11
N LEU C 159 18.22 15.33 12.50
CA LEU C 159 18.40 14.26 11.52
C LEU C 159 18.60 12.93 12.22
N ARG C 160 17.89 11.92 11.74
CA ARG C 160 18.06 10.56 12.24
C ARG C 160 18.15 9.61 11.07
N SER C 161 18.74 8.45 11.32
CA SER C 161 19.02 7.49 10.27
C SER C 161 17.92 6.46 10.15
N TYR C 162 17.60 6.10 8.91
CA TYR C 162 16.82 4.89 8.67
C TYR C 162 17.59 3.67 9.16
N SER C 163 16.87 2.69 9.67
CA SER C 163 17.45 1.40 10.02
C SER C 163 17.07 0.42 8.91
N PHE C 164 18.00 0.19 7.99
CA PHE C 164 17.75 -0.66 6.84
C PHE C 164 18.39 -2.03 7.04
N ARG C 165 17.59 -3.08 6.88
CA ARG C 165 17.98 -4.46 7.02
C ARG C 165 17.21 -5.28 6.00
N PRO C 166 17.82 -6.35 5.45
CA PRO C 166 17.14 -7.11 4.39
C PRO C 166 16.01 -7.99 4.89
N THR C 167 16.18 -8.58 6.07
CA THR C 167 15.15 -9.45 6.65
C THR C 167 14.28 -8.65 7.62
N TYR C 168 13.70 -7.57 7.10
CA TYR C 168 13.02 -6.59 7.93
C TYR C 168 11.75 -6.09 7.26
N GLY C 169 11.38 -6.62 6.09
CA GLY C 169 10.17 -6.28 5.37
C GLY C 169 10.47 -5.90 3.94
N VAL C 170 9.40 -5.69 3.17
CA VAL C 170 9.50 -5.04 1.87
C VAL C 170 8.79 -3.69 1.88
N GLY C 171 7.98 -3.41 2.89
CA GLY C 171 7.54 -2.05 3.12
C GLY C 171 8.50 -1.23 3.91
N HIS C 172 9.59 -1.84 4.41
CA HIS C 172 10.64 -1.15 5.12
C HIS C 172 11.96 -1.21 4.38
N GLN C 173 11.90 -1.39 3.07
CA GLN C 173 13.08 -1.55 2.26
C GLN C 173 13.34 -0.28 1.45
N PRO C 174 14.60 0.03 1.13
CA PRO C 174 14.93 1.28 0.44
C PRO C 174 14.36 1.36 -0.96
N TYR C 175 13.44 2.31 -1.14
CA TYR C 175 12.77 2.54 -2.42
C TYR C 175 13.35 3.79 -3.06
N ARG C 176 14.13 3.61 -4.13
CA ARG C 176 14.88 4.69 -4.76
C ARG C 176 13.92 5.56 -5.58
N VAL C 177 13.27 6.48 -4.88
CA VAL C 177 12.22 7.30 -5.50
C VAL C 177 12.84 8.35 -6.39
N VAL C 178 12.34 8.45 -7.62
CA VAL C 178 12.71 9.52 -8.55
C VAL C 178 11.43 10.24 -8.95
N VAL C 179 11.34 11.53 -8.60
CA VAL C 179 10.14 12.31 -8.83
C VAL C 179 10.40 13.26 -10.00
N LEU C 180 9.63 13.11 -11.06
CA LEU C 180 9.71 14.05 -12.18
C LEU C 180 8.78 15.22 -11.93
N SER C 181 9.11 16.37 -12.51
CA SER C 181 8.27 17.56 -12.42
C SER C 181 8.31 18.29 -13.76
N PHE C 182 7.15 18.77 -14.19
CA PHE C 182 7.05 19.47 -15.46
C PHE C 182 6.62 20.92 -15.25
N ALA C 189 9.09 25.05 -24.66
CA ALA C 189 8.79 23.70 -25.08
C ALA C 189 10.00 23.06 -25.76
N THR C 190 11.04 22.78 -24.97
CA THR C 190 12.27 22.21 -25.50
C THR C 190 12.48 20.76 -25.11
N VAL C 191 11.55 20.16 -24.39
CA VAL C 191 11.64 18.75 -23.99
C VAL C 191 10.45 18.03 -24.62
N CYS C 192 10.66 17.47 -25.80
CA CYS C 192 9.64 16.75 -26.54
C CYS C 192 9.93 15.25 -26.51
N GLY C 193 9.13 14.47 -27.24
CA GLY C 193 9.31 13.04 -27.30
C GLY C 193 9.52 12.51 -28.70
#